data_8XAT
#
_entry.id   8XAT
#
_cell.length_a   73.108
_cell.length_b   136.158
_cell.length_c   141.057
_cell.angle_alpha   90.00
_cell.angle_beta   90.00
_cell.angle_gamma   90.00
#
_symmetry.space_group_name_H-M   'I 2 2 2'
#
loop_
_entity.id
_entity.type
_entity.pdbx_description
1 polymer 'Two-component response regulator ARR1'
2 water water
#
_entity_poly.entity_id   1
_entity_poly.type   'polypeptide(L)'
_entity_poly.pdbx_seq_one_letter_code
;MMNPSHGRGLGSAGGSSSGRNQGGGGETVVEMFPSGLRVLVVDDDPTCLMILERMLRTCLYEVTKCNRAEMALSLLRKNK
HGFDIVISDVHMPDMDGFKLLEHVGLEMDLPVIMMSADDSKSVVLKGVTHGAVDYLIKPVRMEALKNIWQHVVRKRRSEW
SVPEHSGSIEETGERQQQQHRGGGGGAAVSGGEDAVDDNSSSVNEGNNWRSSSRKRKDEEGEEQGDDKDEDASNLKKPRV
VWSVELHQQFVAAVNQLGVEKAVPKKILELMNVPGLTRENVASHLQKYRIYLRRLGGVSQH
;
_entity_poly.pdbx_strand_id   A,B
#
# COMPACT_ATOMS: atom_id res chain seq x y z
N GLU A 31 -0.15 16.24 2.35
CA GLU A 31 0.38 14.92 2.01
C GLU A 31 -0.39 13.82 2.76
N MET A 32 -0.30 12.59 2.26
CA MET A 32 -1.11 11.48 2.76
C MET A 32 -0.65 11.01 4.14
N PHE A 33 -1.60 10.75 5.03
CA PHE A 33 -1.20 10.17 6.32
C PHE A 33 -2.14 9.05 6.72
N PRO A 34 -1.61 7.84 6.98
CA PRO A 34 -2.48 6.73 7.41
C PRO A 34 -2.77 6.74 8.91
N SER A 35 -3.85 7.39 9.29
CA SER A 35 -4.35 7.33 10.66
C SER A 35 -4.88 5.94 11.03
N GLY A 36 -4.80 5.62 12.31
CA GLY A 36 -5.43 4.42 12.84
C GLY A 36 -4.64 3.14 12.72
N LEU A 37 -3.35 3.19 12.39
CA LEU A 37 -2.56 1.97 12.40
C LEU A 37 -2.35 1.48 13.83
N ARG A 38 -2.27 0.16 13.99
CA ARG A 38 -2.20 -0.46 15.32
C ARG A 38 -0.74 -0.80 15.65
N VAL A 39 -0.25 -0.27 16.78
CA VAL A 39 1.14 -0.38 17.19
C VAL A 39 1.19 -1.09 18.54
N LEU A 40 2.05 -2.09 18.65
CA LEU A 40 2.37 -2.70 19.94
C LEU A 40 3.71 -2.15 20.40
N VAL A 41 3.73 -1.54 21.58
CA VAL A 41 4.95 -0.95 22.15
C VAL A 41 5.39 -1.84 23.29
N VAL A 42 6.63 -2.31 23.23
CA VAL A 42 7.15 -3.29 24.18
C VAL A 42 8.31 -2.66 24.91
N ASP A 43 8.13 -2.39 26.19
CA ASP A 43 9.18 -1.73 26.96
C ASP A 43 8.91 -1.92 28.44
N ASP A 44 9.95 -2.30 29.19
CA ASP A 44 9.87 -2.49 30.65
C ASP A 44 10.12 -1.15 31.37
N ASP A 45 10.42 -0.09 30.64
CA ASP A 45 10.68 1.26 31.22
C ASP A 45 9.38 2.05 31.09
N PRO A 46 8.65 2.28 32.19
CA PRO A 46 7.38 2.98 32.14
C PRO A 46 7.38 4.41 31.56
N THR A 47 8.49 5.12 31.70
CA THR A 47 8.66 6.48 31.14
C THR A 47 8.74 6.37 29.62
N CYS A 48 9.54 5.45 29.12
CA CYS A 48 9.71 5.21 27.68
C CYS A 48 8.38 4.79 27.05
N LEU A 49 7.69 3.90 27.74
CA LEU A 49 6.38 3.39 27.30
C LEU A 49 5.36 4.53 27.26
N MET A 50 5.35 5.35 28.30
CA MET A 50 4.40 6.47 28.38
C MET A 50 4.70 7.47 27.25
N ILE A 51 5.96 7.76 27.00
CA ILE A 51 6.32 8.73 25.93
C ILE A 51 5.87 8.20 24.57
N LEU A 52 6.25 6.97 24.25
CA LEU A 52 5.91 6.35 22.96
C LEU A 52 4.39 6.30 22.80
N GLU A 53 3.64 5.92 23.82
CA GLU A 53 2.19 5.83 23.72
C GLU A 53 1.56 7.18 23.47
N ARG A 54 2.01 8.17 24.22
CA ARG A 54 1.45 9.53 24.08
C ARG A 54 1.75 10.10 22.70
N MET A 55 2.96 9.95 22.21
CA MET A 55 3.32 10.50 20.89
C MET A 55 2.54 9.78 19.78
N LEU A 56 2.39 8.46 19.90
CA LEU A 56 1.67 7.65 18.89
C LEU A 56 0.19 8.03 18.89
N ARG A 57 -0.38 8.29 20.07
CA ARG A 57 -1.79 8.68 20.10
C ARG A 57 -1.97 10.09 19.53
N THR A 58 -1.01 10.98 19.78
CA THR A 58 -1.03 12.29 19.15
C THR A 58 -1.01 12.17 17.63
N CYS A 59 -0.27 11.19 17.11
CA CYS A 59 -0.19 10.92 15.68
C CYS A 59 -1.29 10.00 15.20
N LEU A 60 -2.33 9.78 16.02
CA LEU A 60 -3.53 9.03 15.66
C LEU A 60 -3.29 7.54 15.44
N TYR A 61 -2.19 7.00 15.95
CA TYR A 61 -2.06 5.54 15.97
C TYR A 61 -2.89 4.97 17.13
N GLU A 62 -3.23 3.70 17.02
CA GLU A 62 -3.87 2.95 18.09
C GLU A 62 -2.79 2.13 18.80
N VAL A 63 -2.73 2.24 20.11
CA VAL A 63 -1.55 1.77 20.84
C VAL A 63 -1.94 0.72 21.86
N THR A 64 -1.18 -0.36 21.88
CA THR A 64 -1.20 -1.39 22.93
C THR A 64 0.16 -1.40 23.61
N LYS A 65 0.17 -1.36 24.92
CA LYS A 65 1.43 -1.36 25.69
C LYS A 65 1.61 -2.73 26.30
N CYS A 66 2.84 -3.10 26.51
CA CYS A 66 3.19 -4.39 27.12
C CYS A 66 4.62 -4.27 27.65
N ASN A 67 4.91 -4.83 28.83
CA ASN A 67 6.25 -4.63 29.42
C ASN A 67 7.08 -5.91 29.50
N ARG A 68 6.67 -6.97 28.82
CA ARG A 68 7.46 -8.22 28.86
C ARG A 68 7.56 -8.81 27.46
N ALA A 69 8.74 -9.27 27.08
CA ALA A 69 8.93 -9.88 25.78
C ALA A 69 7.99 -11.08 25.60
N GLU A 70 7.92 -11.98 26.58
CA GLU A 70 7.08 -13.20 26.44
C GLU A 70 5.62 -12.80 26.19
N MET A 71 5.15 -11.83 26.95
CA MET A 71 3.77 -11.34 26.82
C MET A 71 3.56 -10.70 25.44
N ALA A 72 4.52 -9.95 24.94
CA ALA A 72 4.42 -9.33 23.60
C ALA A 72 4.16 -10.42 22.56
N LEU A 73 5.01 -11.44 22.60
CA LEU A 73 4.93 -12.57 21.66
C LEU A 73 3.58 -13.27 21.74
N SER A 74 3.02 -13.39 22.93
CA SER A 74 1.70 -14.06 23.09
C SER A 74 0.62 -13.17 22.52
N LEU A 75 0.72 -11.86 22.74
CA LEU A 75 -0.25 -10.86 22.25
C LEU A 75 -0.25 -10.86 20.72
N LEU A 76 0.91 -11.04 20.10
CA LEU A 76 1.04 -11.03 18.63
C LEU A 76 0.46 -12.32 18.05
N ARG A 77 0.65 -13.48 18.65
CA ARG A 77 0.04 -14.69 18.13
C ARG A 77 -1.45 -14.66 18.35
N LYS A 78 -1.86 -14.27 19.53
CA LYS A 78 -3.29 -14.21 19.90
C LYS A 78 -4.10 -13.66 18.73
N ASN A 79 -3.61 -12.58 18.14
CA ASN A 79 -4.28 -12.00 16.96
C ASN A 79 -3.28 -11.65 15.86
N LYS A 80 -3.09 -12.56 14.92
CA LYS A 80 -2.38 -12.18 13.69
C LYS A 80 -3.42 -11.40 12.89
N HIS A 81 -2.96 -10.39 12.15
CA HIS A 81 -3.77 -9.37 11.41
C HIS A 81 -4.40 -8.43 12.44
N GLY A 82 -3.73 -8.28 13.59
CA GLY A 82 -4.13 -7.45 14.72
C GLY A 82 -3.17 -6.29 14.91
N PHE A 83 -1.87 -6.49 14.74
CA PHE A 83 -0.93 -5.36 14.91
C PHE A 83 -0.25 -5.04 13.58
N ASP A 84 -0.12 -3.75 13.31
CA ASP A 84 0.51 -3.27 12.07
C ASP A 84 2.01 -3.14 12.26
N ILE A 85 2.46 -2.73 13.44
CA ILE A 85 3.90 -2.49 13.63
C ILE A 85 4.23 -2.63 15.11
N VAL A 86 5.43 -3.07 15.38
CA VAL A 86 5.87 -3.25 16.76
C VAL A 86 7.06 -2.33 16.99
N ILE A 87 7.10 -1.73 18.17
CA ILE A 87 8.28 -1.01 18.66
C ILE A 87 8.73 -1.70 19.93
N SER A 88 9.99 -2.17 19.96
CA SER A 88 10.46 -2.88 21.14
C SER A 88 11.83 -2.38 21.55
N ASP A 89 12.03 -2.30 22.86
CA ASP A 89 13.27 -1.79 23.40
C ASP A 89 14.40 -2.80 23.19
N VAL A 90 15.58 -2.27 22.87
CA VAL A 90 16.76 -3.10 22.70
C VAL A 90 17.04 -3.90 23.96
N HIS A 91 16.67 -3.38 25.14
CA HIS A 91 16.81 -4.13 26.39
C HIS A 91 15.47 -4.56 26.93
N MET A 92 15.35 -5.84 27.27
CA MET A 92 14.17 -6.44 27.84
C MET A 92 14.55 -7.29 29.05
N PRO A 93 13.71 -7.34 30.09
CA PRO A 93 14.09 -8.05 31.30
C PRO A 93 13.88 -9.56 31.22
N ASP A 94 13.03 -10.04 30.32
CA ASP A 94 12.76 -11.49 30.27
C ASP A 94 13.31 -12.13 29.00
N MET A 95 14.09 -11.42 28.20
CA MET A 95 14.60 -11.99 26.92
C MET A 95 15.65 -11.05 26.36
N ASP A 96 16.64 -11.56 25.67
CA ASP A 96 17.62 -10.69 24.99
C ASP A 96 16.84 -9.85 23.98
N GLY A 97 16.98 -8.53 24.00
CA GLY A 97 16.19 -7.68 23.13
C GLY A 97 16.40 -7.93 21.65
N PHE A 98 17.62 -8.28 21.26
CA PHE A 98 17.89 -8.55 19.86
C PHE A 98 17.22 -9.84 19.39
N LYS A 99 17.06 -10.82 20.28
CA LYS A 99 16.38 -12.02 19.83
C LYS A 99 14.87 -11.80 19.75
N LEU A 100 14.32 -10.90 20.56
CA LEU A 100 12.93 -10.48 20.34
C LEU A 100 12.75 -9.86 18.96
N LEU A 101 13.71 -9.03 18.55
CA LEU A 101 13.70 -8.49 17.19
C LEU A 101 13.64 -9.62 16.16
N GLU A 102 14.45 -10.67 16.35
CA GLU A 102 14.41 -11.81 15.43
C GLU A 102 13.05 -12.46 15.42
N HIS A 103 12.49 -12.71 16.61
CA HIS A 103 11.19 -13.36 16.69
C HIS A 103 10.13 -12.55 15.97
N VAL A 104 10.11 -11.23 16.18
CA VAL A 104 9.07 -10.41 15.57
C VAL A 104 9.38 -10.12 14.11
N GLY A 105 10.60 -9.64 13.82
CA GLY A 105 10.90 -9.16 12.47
C GLY A 105 11.13 -10.27 11.47
N LEU A 106 11.79 -11.36 11.89
CA LEU A 106 12.08 -12.45 10.96
C LEU A 106 11.09 -13.60 11.08
N GLU A 107 10.95 -14.23 12.25
CA GLU A 107 10.05 -15.39 12.41
C GLU A 107 8.60 -15.05 12.05
N MET A 108 8.08 -13.96 12.58
CA MET A 108 6.68 -13.56 12.36
C MET A 108 6.54 -12.63 11.16
N ASP A 109 7.65 -12.16 10.64
CA ASP A 109 7.63 -11.24 9.47
C ASP A 109 6.69 -10.05 9.74
N LEU A 110 6.82 -9.42 10.90
CA LEU A 110 6.18 -8.16 11.17
C LEU A 110 7.21 -7.04 11.11
N PRO A 111 6.80 -5.80 10.81
CA PRO A 111 7.74 -4.68 10.94
C PRO A 111 7.97 -4.40 12.41
N VAL A 112 9.22 -4.54 12.83
CA VAL A 112 9.63 -4.24 14.22
C VAL A 112 10.64 -3.10 14.21
N ILE A 113 10.44 -2.16 15.12
CA ILE A 113 11.35 -1.00 15.20
C ILE A 113 12.08 -1.04 16.54
N MET A 114 13.40 -0.97 16.50
CA MET A 114 14.23 -1.01 17.72
C MET A 114 14.28 0.34 18.42
N MET A 115 13.83 0.40 19.65
CA MET A 115 13.91 1.62 20.48
C MET A 115 15.18 1.48 21.31
N SER A 116 16.14 2.37 21.10
CA SER A 116 17.43 2.28 21.83
C SER A 116 17.88 3.63 22.41
N ALA A 117 18.50 3.61 23.57
CA ALA A 117 19.14 4.80 24.15
C ALA A 117 20.55 4.88 23.58
N ASP A 118 21.10 3.76 23.12
CA ASP A 118 22.49 3.70 22.61
C ASP A 118 22.47 3.88 21.10
N ASP A 119 23.25 4.81 20.58
CA ASP A 119 23.25 5.06 19.12
C ASP A 119 24.61 4.76 18.51
N SER A 120 25.41 3.93 19.13
CA SER A 120 26.71 3.60 18.50
C SER A 120 26.52 2.84 17.20
N LYS A 121 27.52 2.90 16.33
CA LYS A 121 27.46 2.20 15.03
C LYS A 121 27.17 0.70 15.21
N SER A 122 27.78 0.06 16.21
CA SER A 122 27.60 -1.38 16.47
C SER A 122 26.17 -1.71 16.92
N VAL A 123 25.58 -0.91 17.78
CA VAL A 123 24.19 -1.21 18.25
C VAL A 123 23.22 -0.98 17.09
N VAL A 124 23.42 0.08 16.34
CA VAL A 124 22.52 0.42 15.22
C VAL A 124 22.62 -0.67 14.15
N LEU A 125 23.81 -1.22 13.93
CA LEU A 125 24.03 -2.28 12.93
C LEU A 125 23.34 -3.55 13.39
N LYS A 126 23.40 -3.83 14.68
CA LYS A 126 22.81 -5.04 15.28
C LYS A 126 21.29 -5.00 15.23
N GLY A 127 20.69 -3.82 15.24
CA GLY A 127 19.23 -3.77 15.16
C GLY A 127 18.79 -4.37 13.84
N VAL A 128 19.45 -4.01 12.75
CA VAL A 128 19.03 -4.50 11.41
C VAL A 128 19.52 -5.93 11.16
N THR A 129 20.64 -6.32 11.74
CA THR A 129 21.13 -7.71 11.57
C THR A 129 20.27 -8.70 12.36
N HIS A 130 19.49 -8.25 13.34
CA HIS A 130 18.58 -9.12 14.10
C HIS A 130 17.13 -8.97 13.61
N GLY A 131 16.90 -8.26 12.51
CA GLY A 131 15.56 -8.23 11.90
C GLY A 131 14.72 -6.96 11.97
N ALA A 132 15.12 -5.90 12.65
CA ALA A 132 14.29 -4.68 12.65
C ALA A 132 14.37 -3.95 11.31
N VAL A 133 13.28 -3.36 10.88
CA VAL A 133 13.17 -2.57 9.62
C VAL A 133 13.60 -1.12 9.86
N ASP A 134 13.68 -0.70 11.12
CA ASP A 134 14.07 0.68 11.52
C ASP A 134 14.41 0.77 13.01
N TYR A 135 14.81 1.96 13.43
CA TYR A 135 15.21 2.21 14.83
C TYR A 135 14.88 3.64 15.24
N LEU A 136 14.71 3.81 16.55
CA LEU A 136 14.46 5.11 17.19
C LEU A 136 15.50 5.29 18.30
N ILE A 137 16.12 6.46 18.31
CA ILE A 137 17.17 6.80 19.31
C ILE A 137 16.61 7.80 20.32
N LYS A 138 16.85 7.58 21.59
CA LYS A 138 16.43 8.52 22.63
C LYS A 138 17.28 9.79 22.46
N PRO A 139 16.74 11.02 22.46
CA PRO A 139 15.31 11.26 22.54
C PRO A 139 14.56 11.23 21.20
N VAL A 140 13.42 10.58 21.21
CA VAL A 140 12.63 10.43 20.01
C VAL A 140 11.91 11.65 19.54
N ARG A 141 12.21 12.05 18.34
CA ARG A 141 11.56 13.16 17.76
C ARG A 141 10.24 12.79 17.13
N MET A 142 9.31 13.71 17.17
CA MET A 142 7.99 13.45 16.68
C MET A 142 7.98 13.06 15.21
N GLU A 143 8.73 13.80 14.42
CA GLU A 143 8.77 13.49 12.98
C GLU A 143 9.19 12.04 12.77
N ALA A 144 10.27 11.61 13.42
CA ALA A 144 10.76 10.23 13.27
C ALA A 144 9.67 9.23 13.68
N LEU A 145 9.12 9.41 14.87
CA LEU A 145 8.06 8.55 15.41
C LEU A 145 6.86 8.57 14.46
N LYS A 146 6.44 9.72 13.99
CA LYS A 146 5.22 9.82 13.17
C LYS A 146 5.34 9.09 11.83
N ASN A 147 6.55 9.02 11.29
CA ASN A 147 6.85 8.47 9.96
C ASN A 147 6.98 6.95 9.94
N ILE A 148 6.75 6.25 11.05
CA ILE A 148 6.90 4.77 11.06
C ILE A 148 5.92 4.03 10.15
N TRP A 149 4.79 4.63 9.75
CA TRP A 149 3.79 4.07 8.82
C TRP A 149 4.38 3.69 7.46
N GLN A 150 5.47 4.29 7.00
CA GLN A 150 6.20 3.98 5.74
C GLN A 150 6.56 2.48 5.63
N HIS A 151 6.81 1.76 6.73
CA HIS A 151 7.12 0.32 6.70
C HIS A 151 5.85 -0.53 6.62
N VAL A 152 4.69 0.10 6.69
CA VAL A 152 3.39 -0.62 6.73
C VAL A 152 2.53 -0.33 5.51
N VAL A 153 2.34 0.92 5.11
CA VAL A 153 1.42 1.20 3.98
C VAL A 153 2.14 2.00 2.89
N ARG A 154 1.59 1.92 1.69
CA ARG A 154 2.09 2.66 0.55
C ARG A 154 0.99 3.12 -0.39
N LYS A 155 1.23 4.21 -1.10
CA LYS A 155 0.33 4.84 -2.08
C LYS A 155 0.61 4.25 -3.46
N ARG A 156 -0.42 3.85 -4.19
CA ARG A 156 -0.28 3.22 -5.54
C ARG A 156 -1.25 3.89 -6.52
N LEU A 235 -6.58 -15.81 -0.85
CA LEU A 235 -5.70 -16.99 -0.62
C LEU A 235 -4.42 -16.80 -1.43
N LYS A 236 -3.29 -16.67 -0.76
CA LYS A 236 -2.08 -16.51 -1.59
C LYS A 236 -1.05 -17.57 -1.18
N LYS A 237 0.06 -17.66 -1.91
CA LYS A 237 1.12 -18.68 -1.74
C LYS A 237 1.81 -18.64 -0.37
N PRO A 238 2.54 -19.69 0.00
CA PRO A 238 3.23 -19.74 1.26
C PRO A 238 4.21 -18.57 1.43
N ARG A 239 4.29 -18.05 2.64
CA ARG A 239 5.24 -16.95 2.90
C ARG A 239 6.61 -17.57 3.14
N VAL A 240 7.66 -16.84 2.80
CA VAL A 240 9.06 -17.30 2.93
C VAL A 240 9.61 -16.74 4.24
N VAL A 241 10.18 -17.58 5.11
CA VAL A 241 10.68 -17.05 6.41
C VAL A 241 12.20 -17.09 6.42
N TRP A 242 12.80 -15.97 6.71
CA TRP A 242 14.27 -15.90 6.73
C TRP A 242 14.75 -16.25 8.11
N SER A 243 15.77 -17.09 8.16
CA SER A 243 16.47 -17.40 9.43
C SER A 243 17.39 -16.23 9.75
N VAL A 244 17.78 -16.09 11.01
CA VAL A 244 18.67 -14.98 11.37
C VAL A 244 20.02 -15.15 10.68
N GLU A 245 20.52 -16.38 10.58
CA GLU A 245 21.80 -16.67 9.90
C GLU A 245 21.71 -16.24 8.44
N LEU A 246 20.62 -16.57 7.77
CA LEU A 246 20.48 -16.20 6.34
C LEU A 246 20.38 -14.69 6.22
N HIS A 247 19.61 -14.09 7.12
CA HIS A 247 19.43 -12.63 7.08
C HIS A 247 20.76 -11.91 7.30
N GLN A 248 21.61 -12.44 8.20
CA GLN A 248 22.88 -11.78 8.47
C GLN A 248 23.83 -11.90 7.28
N GLN A 249 23.78 -13.02 6.57
CA GLN A 249 24.54 -13.15 5.32
C GLN A 249 24.06 -12.14 4.29
N PHE A 250 22.74 -11.93 4.22
CA PHE A 250 22.18 -10.97 3.29
C PHE A 250 22.64 -9.54 3.63
N VAL A 251 22.57 -9.16 4.90
CA VAL A 251 23.00 -7.82 5.29
C VAL A 251 24.48 -7.61 4.96
N ALA A 252 25.31 -8.59 5.31
CA ALA A 252 26.73 -8.53 4.96
C ALA A 252 26.92 -8.36 3.46
N ALA A 253 26.23 -9.17 2.66
CA ALA A 253 26.37 -9.09 1.21
C ALA A 253 25.99 -7.70 0.70
N VAL A 254 24.83 -7.18 1.13
CA VAL A 254 24.36 -5.89 0.65
C VAL A 254 25.31 -4.78 1.08
N ASN A 255 25.80 -4.84 2.32
CA ASN A 255 26.73 -3.83 2.78
C ASN A 255 28.04 -3.86 1.99
N GLN A 256 28.44 -5.04 1.53
CA GLN A 256 29.68 -5.13 0.74
C GLN A 256 29.50 -4.49 -0.63
N LEU A 257 28.36 -4.69 -1.27
CA LEU A 257 28.13 -4.15 -2.61
C LEU A 257 27.69 -2.69 -2.60
N GLY A 258 27.23 -2.18 -1.47
CA GLY A 258 26.62 -0.87 -1.43
C GLY A 258 25.13 -0.95 -1.71
N VAL A 259 24.33 -0.37 -0.82
CA VAL A 259 22.90 -0.58 -0.87
C VAL A 259 22.30 -0.04 -2.18
N GLU A 260 22.90 1.03 -2.73
CA GLU A 260 22.34 1.63 -3.93
C GLU A 260 22.65 0.84 -5.19
N LYS A 261 23.75 0.08 -5.20
CA LYS A 261 24.14 -0.69 -6.37
C LYS A 261 23.80 -2.17 -6.26
N ALA A 262 23.31 -2.65 -5.12
CA ALA A 262 23.16 -4.09 -4.90
C ALA A 262 21.96 -4.63 -5.68
N VAL A 263 22.23 -5.51 -6.63
CA VAL A 263 21.14 -6.12 -7.41
C VAL A 263 21.05 -7.59 -7.06
N PRO A 264 19.88 -8.21 -7.21
CA PRO A 264 19.71 -9.58 -6.69
C PRO A 264 20.78 -10.57 -7.12
N LYS A 265 21.22 -10.51 -8.38
CA LYS A 265 22.19 -11.49 -8.85
C LYS A 265 23.50 -11.36 -8.08
N LYS A 266 23.95 -10.13 -7.84
CA LYS A 266 25.21 -9.91 -7.14
C LYS A 266 25.09 -10.28 -5.67
N ILE A 267 23.94 -9.99 -5.04
CA ILE A 267 23.74 -10.40 -3.65
C ILE A 267 23.85 -11.92 -3.54
N LEU A 268 23.18 -12.61 -4.45
CA LEU A 268 23.18 -14.10 -4.49
C LEU A 268 24.59 -14.65 -4.61
N GLU A 269 25.41 -14.05 -5.47
CA GLU A 269 26.81 -14.47 -5.71
C GLU A 269 27.57 -14.44 -4.38
N LEU A 270 27.42 -13.39 -3.62
CA LEU A 270 28.10 -13.20 -2.33
C LEU A 270 27.55 -14.13 -1.25
N MET A 271 26.24 -14.40 -1.27
CA MET A 271 25.60 -15.22 -0.21
C MET A 271 25.86 -16.70 -0.45
N ASN A 272 25.94 -17.07 -1.72
CA ASN A 272 26.29 -18.44 -2.13
C ASN A 272 25.41 -19.44 -1.40
N VAL A 273 24.10 -19.31 -1.58
CA VAL A 273 23.12 -20.20 -0.90
C VAL A 273 22.28 -20.85 -1.98
N PRO A 274 22.47 -22.14 -2.27
CA PRO A 274 21.72 -22.87 -3.28
C PRO A 274 20.23 -22.84 -2.94
N GLY A 275 19.39 -22.57 -3.93
CA GLY A 275 17.95 -22.47 -3.66
C GLY A 275 17.50 -21.06 -3.35
N LEU A 276 18.40 -20.17 -2.93
CA LEU A 276 17.97 -18.76 -2.68
C LEU A 276 17.77 -18.11 -4.04
N THR A 277 16.62 -17.53 -4.28
CA THR A 277 16.30 -16.91 -5.58
C THR A 277 16.49 -15.39 -5.60
N ARG A 278 16.50 -14.86 -6.81
CA ARG A 278 16.57 -13.41 -7.07
C ARG A 278 15.34 -12.72 -6.49
N GLU A 279 14.17 -13.31 -6.69
CA GLU A 279 12.90 -12.76 -6.19
C GLU A 279 12.96 -12.71 -4.66
N ASN A 280 13.44 -13.76 -4.03
CA ASN A 280 13.57 -13.82 -2.56
C ASN A 280 14.40 -12.62 -2.09
N VAL A 281 15.55 -12.40 -2.71
CA VAL A 281 16.46 -11.34 -2.29
C VAL A 281 15.86 -9.97 -2.58
N ALA A 282 15.21 -9.81 -3.75
CA ALA A 282 14.61 -8.51 -4.08
C ALA A 282 13.52 -8.14 -3.08
N SER A 283 12.67 -9.09 -2.71
CA SER A 283 11.63 -8.73 -1.76
C SER A 283 12.23 -8.51 -0.36
N HIS A 284 13.31 -9.22 -0.02
CA HIS A 284 13.95 -8.97 1.27
C HIS A 284 14.61 -7.60 1.28
N LEU A 285 15.26 -7.23 0.17
CA LEU A 285 15.90 -5.93 0.09
C LEU A 285 14.87 -4.80 0.23
N GLN A 286 13.73 -4.93 -0.42
CA GLN A 286 12.66 -3.93 -0.30
C GLN A 286 12.23 -3.77 1.16
N LYS A 287 12.19 -4.83 1.93
CA LYS A 287 11.79 -4.70 3.34
C LYS A 287 12.87 -3.98 4.16
N TYR A 288 14.13 -4.26 3.91
CA TYR A 288 15.20 -3.72 4.75
C TYR A 288 15.92 -2.52 4.12
N ARG A 289 15.46 -2.04 2.96
CA ARG A 289 16.12 -0.96 2.23
C ARG A 289 16.30 0.28 3.10
N ILE A 290 15.23 0.71 3.80
CA ILE A 290 15.29 1.98 4.52
C ILE A 290 16.37 1.94 5.60
N TYR A 291 16.38 0.87 6.41
CA TYR A 291 17.41 0.72 7.43
C TYR A 291 18.80 0.70 6.80
N LEU A 292 18.97 -0.09 5.75
CA LEU A 292 20.29 -0.25 5.15
C LEU A 292 20.79 1.07 4.56
N ARG A 293 19.88 1.89 4.03
CA ARG A 293 20.28 3.22 3.59
C ARG A 293 20.75 4.08 4.76
N ARG A 294 20.16 3.93 5.94
CA ARG A 294 20.58 4.73 7.08
C ARG A 294 21.99 4.37 7.55
N LEU A 295 22.49 3.20 7.19
CA LEU A 295 23.80 2.76 7.68
C LEU A 295 24.93 3.63 7.12
N GLU B 31 -8.89 -0.05 11.87
CA GLU B 31 -9.62 1.17 11.45
C GLU B 31 -8.63 2.15 10.78
N MET B 32 -7.83 1.67 9.81
CA MET B 32 -6.84 2.51 9.08
C MET B 32 -7.54 3.50 8.15
N PHE B 33 -7.13 4.75 8.18
CA PHE B 33 -7.71 5.72 7.25
C PHE B 33 -6.65 6.69 6.71
N PRO B 34 -6.44 6.72 5.38
CA PRO B 34 -5.49 7.60 4.75
C PRO B 34 -6.04 9.00 4.47
N SER B 35 -5.72 9.94 5.34
CA SER B 35 -6.10 11.31 5.13
C SER B 35 -5.19 11.96 4.09
N GLY B 36 -5.68 13.03 3.48
CA GLY B 36 -4.85 13.87 2.64
C GLY B 36 -4.71 13.43 1.20
N LEU B 37 -5.46 12.45 0.73
CA LEU B 37 -5.40 12.11 -0.69
C LEU B 37 -6.04 13.22 -1.53
N ARG B 38 -5.55 13.37 -2.76
CA ARG B 38 -5.96 14.47 -3.64
C ARG B 38 -6.94 13.94 -4.69
N VAL B 39 -8.12 14.55 -4.76
CA VAL B 39 -9.21 14.06 -5.60
C VAL B 39 -9.60 15.16 -6.57
N LEU B 40 -9.70 14.81 -7.84
CA LEU B 40 -10.26 15.70 -8.84
C LEU B 40 -11.68 15.25 -9.11
N VAL B 41 -12.64 16.16 -8.90
CA VAL B 41 -14.06 15.89 -9.12
C VAL B 41 -14.51 16.60 -10.39
N VAL B 42 -15.06 15.84 -11.32
CA VAL B 42 -15.43 16.35 -12.65
C VAL B 42 -16.93 16.20 -12.82
N ASP B 43 -17.63 17.32 -12.91
CA ASP B 43 -19.07 17.28 -13.03
C ASP B 43 -19.58 18.64 -13.48
N ASP B 44 -20.47 18.64 -14.47
CA ASP B 44 -21.16 19.84 -14.99
C ASP B 44 -22.31 20.19 -14.05
N ASP B 45 -22.73 19.27 -13.17
CA ASP B 45 -23.83 19.49 -12.21
C ASP B 45 -23.28 20.17 -10.97
N PRO B 46 -23.59 21.45 -10.76
CA PRO B 46 -23.09 22.19 -9.64
C PRO B 46 -23.53 21.64 -8.28
N THR B 47 -24.70 21.02 -8.20
CA THR B 47 -25.16 20.43 -6.91
C THR B 47 -24.36 19.15 -6.63
N CYS B 48 -24.17 18.30 -7.62
CA CYS B 48 -23.39 17.04 -7.47
C CYS B 48 -21.98 17.39 -7.02
N LEU B 49 -21.39 18.38 -7.67
CA LEU B 49 -20.03 18.88 -7.41
C LEU B 49 -19.89 19.32 -5.97
N MET B 50 -20.78 20.19 -5.51
CA MET B 50 -20.78 20.70 -4.13
C MET B 50 -20.91 19.54 -3.13
N ILE B 51 -21.79 18.59 -3.42
CA ILE B 51 -21.99 17.44 -2.50
C ILE B 51 -20.69 16.63 -2.39
N LEU B 52 -20.08 16.30 -3.52
CA LEU B 52 -18.86 15.47 -3.53
C LEU B 52 -17.71 16.20 -2.81
N GLU B 53 -17.53 17.48 -3.13
CA GLU B 53 -16.48 18.29 -2.50
C GLU B 53 -16.67 18.33 -1.00
N ARG B 54 -17.87 18.62 -0.55
CA ARG B 54 -18.08 18.76 0.89
C ARG B 54 -17.90 17.43 1.61
N MET B 55 -18.37 16.34 1.02
CA MET B 55 -18.21 15.03 1.67
C MET B 55 -16.73 14.65 1.73
N LEU B 56 -16.00 14.94 0.67
CA LEU B 56 -14.56 14.61 0.60
C LEU B 56 -13.79 15.47 1.60
N ARG B 57 -14.13 16.75 1.74
CA ARG B 57 -13.46 17.62 2.72
C ARG B 57 -13.79 17.08 4.10
N THR B 58 -15.02 16.66 4.33
CA THR B 58 -15.35 16.07 5.63
C THR B 58 -14.47 14.87 5.92
N CYS B 59 -14.20 14.05 4.90
CA CYS B 59 -13.36 12.87 5.04
C CYS B 59 -11.88 13.17 4.85
N LEU B 60 -11.47 14.43 4.99
CA LEU B 60 -10.06 14.89 4.95
C LEU B 60 -9.33 14.67 3.62
N TYR B 61 -10.07 14.63 2.52
CA TYR B 61 -9.42 14.55 1.20
C TYR B 61 -9.18 15.99 0.73
N GLU B 62 -8.21 16.19 -0.13
CA GLU B 62 -7.98 17.51 -0.74
C GLU B 62 -8.76 17.51 -2.05
N VAL B 63 -9.54 18.52 -2.34
CA VAL B 63 -10.41 18.41 -3.52
C VAL B 63 -10.16 19.51 -4.55
N THR B 64 -10.17 19.16 -5.81
CA THR B 64 -10.12 20.13 -6.91
C THR B 64 -11.36 19.87 -7.75
N LYS B 65 -12.06 20.93 -8.09
CA LYS B 65 -13.32 20.82 -8.86
C LYS B 65 -13.07 21.20 -10.31
N CYS B 66 -13.89 20.66 -11.19
CA CYS B 66 -13.77 20.97 -12.61
C CYS B 66 -15.11 20.65 -13.28
N ASN B 67 -15.57 21.49 -14.18
CA ASN B 67 -16.91 21.27 -14.77
C ASN B 67 -16.87 20.88 -16.24
N ARG B 68 -15.70 20.64 -16.81
CA ARG B 68 -15.68 20.22 -18.24
C ARG B 68 -14.72 19.05 -18.40
N ALA B 69 -15.07 18.11 -19.25
CA ALA B 69 -14.21 16.95 -19.52
C ALA B 69 -12.85 17.41 -20.07
N GLU B 70 -12.85 18.36 -21.02
CA GLU B 70 -11.59 18.83 -21.64
C GLU B 70 -10.78 19.58 -20.60
N MET B 71 -11.42 20.33 -19.71
CA MET B 71 -10.63 21.04 -18.69
C MET B 71 -10.01 20.05 -17.69
N ALA B 72 -10.71 18.95 -17.43
CA ALA B 72 -10.21 17.89 -16.53
C ALA B 72 -8.94 17.27 -17.14
N LEU B 73 -9.01 16.92 -18.42
CA LEU B 73 -7.87 16.31 -19.14
C LEU B 73 -6.68 17.28 -19.17
N SER B 74 -6.91 18.57 -19.38
CA SER B 74 -5.82 19.54 -19.33
C SER B 74 -5.20 19.62 -17.95
N LEU B 75 -6.04 19.69 -16.91
CA LEU B 75 -5.53 19.76 -15.55
C LEU B 75 -4.68 18.55 -15.23
N LEU B 76 -5.15 17.37 -15.63
CA LEU B 76 -4.41 16.15 -15.32
C LEU B 76 -3.10 16.10 -16.09
N ARG B 77 -3.08 16.58 -17.35
CA ARG B 77 -1.81 16.59 -18.08
C ARG B 77 -0.84 17.60 -17.47
N LYS B 78 -1.36 18.76 -17.05
CA LYS B 78 -0.49 19.82 -16.55
C LYS B 78 0.33 19.34 -15.35
N ASN B 79 -0.32 18.65 -14.41
CA ASN B 79 0.38 18.05 -13.26
C ASN B 79 -0.07 16.60 -13.11
N LYS B 80 0.59 15.70 -13.83
CA LYS B 80 0.59 14.30 -13.41
C LYS B 80 1.29 14.22 -12.06
N HIS B 81 0.90 13.24 -11.25
CA HIS B 81 1.24 13.16 -9.83
C HIS B 81 0.63 14.29 -9.02
N GLY B 82 -0.35 15.00 -9.58
CA GLY B 82 -1.08 16.01 -8.84
C GLY B 82 -2.34 15.46 -8.21
N PHE B 83 -2.84 14.32 -8.70
CA PHE B 83 -4.09 13.78 -8.19
C PHE B 83 -3.94 12.29 -7.93
N ASP B 84 -4.55 11.82 -6.86
CA ASP B 84 -4.54 10.41 -6.56
C ASP B 84 -5.73 9.67 -7.16
N ILE B 85 -6.87 10.34 -7.30
CA ILE B 85 -8.07 9.67 -7.76
C ILE B 85 -8.96 10.70 -8.43
N VAL B 86 -9.75 10.25 -9.39
CA VAL B 86 -10.64 11.12 -10.15
C VAL B 86 -12.06 10.57 -10.01
N ILE B 87 -13.02 11.46 -9.78
CA ILE B 87 -14.44 11.11 -9.82
C ILE B 87 -15.05 11.90 -10.96
N SER B 88 -15.68 11.21 -11.91
CA SER B 88 -16.25 11.92 -13.05
C SER B 88 -17.65 11.41 -13.35
N ASP B 89 -18.54 12.35 -13.67
CA ASP B 89 -19.92 12.00 -13.91
C ASP B 89 -20.05 11.20 -15.21
N VAL B 90 -20.98 10.28 -15.26
CA VAL B 90 -21.22 9.47 -16.48
C VAL B 90 -21.77 10.38 -17.58
N HIS B 91 -22.32 11.52 -17.22
CA HIS B 91 -22.82 12.48 -18.24
C HIS B 91 -21.98 13.74 -18.17
N MET B 92 -21.37 14.11 -19.29
CA MET B 92 -20.54 15.33 -19.45
C MET B 92 -21.08 16.10 -20.65
N PRO B 93 -21.01 17.45 -20.70
CA PRO B 93 -21.53 18.20 -21.82
C PRO B 93 -20.58 18.36 -23.00
N ASP B 94 -19.29 18.16 -22.79
CA ASP B 94 -18.31 18.37 -23.87
C ASP B 94 -17.64 17.07 -24.30
N MET B 95 -18.16 15.92 -23.87
CA MET B 95 -17.55 14.59 -24.20
C MET B 95 -18.47 13.48 -23.72
N ASP B 96 -18.46 12.35 -24.37
CA ASP B 96 -19.22 11.19 -23.86
C ASP B 96 -18.58 10.82 -22.51
N GLY B 97 -19.38 10.61 -21.48
CA GLY B 97 -18.82 10.29 -20.15
C GLY B 97 -17.98 9.02 -20.17
N PHE B 98 -18.39 8.02 -20.91
CA PHE B 98 -17.62 6.77 -20.99
C PHE B 98 -16.24 7.03 -21.62
N LYS B 99 -16.17 7.90 -22.61
CA LYS B 99 -14.88 8.20 -23.23
C LYS B 99 -13.93 8.85 -22.24
N LEU B 100 -14.45 9.77 -21.42
CA LEU B 100 -13.65 10.39 -20.37
C LEU B 100 -13.10 9.33 -19.43
N LEU B 101 -13.89 8.30 -19.13
CA LEU B 101 -13.39 7.21 -18.29
C LEU B 101 -12.22 6.49 -18.95
N GLU B 102 -12.28 6.33 -20.28
CA GLU B 102 -11.18 5.69 -20.99
C GLU B 102 -9.92 6.54 -20.92
N HIS B 103 -10.05 7.84 -21.17
CA HIS B 103 -8.89 8.73 -21.13
C HIS B 103 -8.23 8.73 -19.76
N VAL B 104 -9.02 8.82 -18.70
CA VAL B 104 -8.47 8.90 -17.35
C VAL B 104 -8.04 7.53 -16.85
N GLY B 105 -8.93 6.54 -16.94
CA GLY B 105 -8.67 5.24 -16.36
C GLY B 105 -7.69 4.39 -17.15
N LEU B 106 -7.78 4.45 -18.47
CA LEU B 106 -6.91 3.60 -19.32
C LEU B 106 -5.69 4.35 -19.90
N GLU B 107 -5.95 5.37 -20.69
CA GLU B 107 -4.91 6.19 -21.33
C GLU B 107 -3.98 6.81 -20.28
N MET B 108 -4.49 7.35 -19.19
CA MET B 108 -3.58 7.97 -18.20
C MET B 108 -3.28 7.02 -17.05
N ASP B 109 -3.89 5.83 -17.07
CA ASP B 109 -3.66 4.80 -16.04
C ASP B 109 -3.84 5.37 -14.62
N LEU B 110 -4.91 6.11 -14.40
CA LEU B 110 -5.26 6.70 -13.09
C LEU B 110 -6.51 5.99 -12.56
N PRO B 111 -6.77 5.97 -11.25
CA PRO B 111 -8.01 5.43 -10.72
C PRO B 111 -9.14 6.45 -10.96
N VAL B 112 -10.07 6.10 -11.80
CA VAL B 112 -11.26 6.95 -12.09
C VAL B 112 -12.52 6.25 -11.56
N ILE B 113 -13.35 6.99 -10.84
CA ILE B 113 -14.62 6.47 -10.27
C ILE B 113 -15.79 7.13 -10.98
N MET B 114 -16.71 6.33 -11.47
CA MET B 114 -17.92 6.80 -12.20
C MET B 114 -19.07 7.23 -11.26
N MET B 115 -19.45 8.49 -11.35
CA MET B 115 -20.57 9.08 -10.59
C MET B 115 -21.82 8.99 -11.49
N SER B 116 -22.81 8.21 -11.09
CA SER B 116 -24.04 8.01 -11.91
C SER B 116 -25.33 8.08 -11.09
N ALA B 117 -26.36 8.67 -11.66
CA ALA B 117 -27.70 8.65 -11.04
C ALA B 117 -28.39 7.37 -11.47
N ASP B 118 -27.91 6.73 -12.54
CA ASP B 118 -28.51 5.51 -13.10
C ASP B 118 -27.73 4.26 -12.67
N ASP B 119 -28.34 3.37 -11.91
CA ASP B 119 -27.63 2.15 -11.44
C ASP B 119 -28.08 0.92 -12.21
N SER B 120 -28.55 1.09 -13.43
CA SER B 120 -28.95 -0.09 -14.22
C SER B 120 -27.76 -1.02 -14.51
N LYS B 121 -28.04 -2.30 -14.69
CA LYS B 121 -26.97 -3.28 -14.99
C LYS B 121 -26.18 -2.86 -16.23
N SER B 122 -26.80 -2.34 -17.26
CA SER B 122 -26.05 -1.92 -18.46
C SER B 122 -25.13 -0.73 -18.16
N VAL B 123 -25.56 0.24 -17.38
CA VAL B 123 -24.68 1.42 -17.12
C VAL B 123 -23.51 1.04 -16.21
N VAL B 124 -23.77 0.21 -15.21
CA VAL B 124 -22.74 -0.19 -14.23
C VAL B 124 -21.69 -1.03 -14.95
N LEU B 125 -22.11 -1.92 -15.84
CA LEU B 125 -21.13 -2.73 -16.61
C LEU B 125 -20.32 -1.81 -17.52
N LYS B 126 -20.93 -0.81 -18.10
CA LYS B 126 -20.22 0.13 -19.00
C LYS B 126 -19.17 0.96 -18.26
N GLY B 127 -19.39 1.26 -16.99
CA GLY B 127 -18.38 1.99 -16.23
C GLY B 127 -17.07 1.25 -16.20
N VAL B 128 -17.11 -0.03 -15.88
CA VAL B 128 -15.87 -0.85 -15.78
C VAL B 128 -15.36 -1.22 -17.17
N THR B 129 -16.21 -1.39 -18.17
CA THR B 129 -15.72 -1.71 -19.53
C THR B 129 -15.05 -0.50 -20.20
N HIS B 130 -15.32 0.71 -19.72
CA HIS B 130 -14.66 1.92 -20.25
C HIS B 130 -13.50 2.35 -19.34
N GLY B 131 -13.17 1.57 -18.33
CA GLY B 131 -11.95 1.86 -17.55
C GLY B 131 -12.11 2.31 -16.11
N ALA B 132 -13.31 2.52 -15.59
CA ALA B 132 -13.45 2.93 -14.18
C ALA B 132 -13.11 1.77 -13.23
N VAL B 133 -12.52 2.10 -12.10
CA VAL B 133 -12.14 1.10 -11.05
C VAL B 133 -13.28 0.95 -10.04
N ASP B 134 -14.19 1.91 -10.01
CA ASP B 134 -15.37 1.86 -9.11
C ASP B 134 -16.46 2.81 -9.60
N TYR B 135 -17.58 2.79 -8.89
CA TYR B 135 -18.73 3.65 -9.19
C TYR B 135 -19.40 4.11 -7.89
N LEU B 136 -20.09 5.23 -7.99
CA LEU B 136 -20.92 5.84 -6.94
C LEU B 136 -22.31 6.15 -7.53
N ILE B 137 -23.34 5.72 -6.84
CA ILE B 137 -24.74 5.92 -7.29
C ILE B 137 -25.47 6.91 -6.37
N LYS B 138 -26.10 7.91 -6.93
CA LYS B 138 -26.92 8.86 -6.19
C LYS B 138 -28.12 8.16 -5.58
N PRO B 139 -28.38 8.39 -4.28
CA PRO B 139 -27.64 9.29 -3.44
C PRO B 139 -26.40 8.63 -2.83
N VAL B 140 -25.32 9.37 -2.86
CA VAL B 140 -23.98 8.90 -2.41
C VAL B 140 -23.91 8.83 -0.88
N ARG B 141 -23.75 7.63 -0.38
CA ARG B 141 -23.61 7.40 1.06
C ARG B 141 -22.18 7.76 1.46
N MET B 142 -22.01 8.33 2.64
CA MET B 142 -20.72 8.77 3.17
C MET B 142 -19.76 7.58 3.26
N GLU B 143 -20.23 6.43 3.69
CA GLU B 143 -19.38 5.22 3.82
C GLU B 143 -18.77 4.84 2.47
N ALA B 144 -19.55 4.89 1.40
CA ALA B 144 -19.05 4.53 0.06
C ALA B 144 -18.06 5.60 -0.40
N LEU B 145 -18.41 6.86 -0.25
CA LEU B 145 -17.52 7.96 -0.67
C LEU B 145 -16.20 7.89 0.09
N LYS B 146 -16.25 7.71 1.40
CA LYS B 146 -15.06 7.67 2.27
C LYS B 146 -14.12 6.53 1.88
N ASN B 147 -14.64 5.39 1.47
CA ASN B 147 -13.86 4.16 1.17
C ASN B 147 -13.16 4.17 -0.20
N ILE B 148 -13.19 5.26 -0.96
CA ILE B 148 -12.52 5.31 -2.29
C ILE B 148 -10.99 5.18 -2.22
N TRP B 149 -10.39 5.48 -1.07
CA TRP B 149 -8.94 5.43 -0.82
C TRP B 149 -8.38 4.03 -1.05
N GLN B 150 -9.23 3.01 -0.99
CA GLN B 150 -8.84 1.59 -1.20
C GLN B 150 -8.26 1.34 -2.62
N HIS B 151 -8.56 2.17 -3.62
CA HIS B 151 -8.01 2.05 -4.98
C HIS B 151 -6.66 2.75 -5.09
N VAL B 152 -6.18 3.34 -4.02
CA VAL B 152 -4.97 4.18 -4.07
C VAL B 152 -3.96 3.78 -3.01
N VAL B 153 -4.40 3.39 -1.85
CA VAL B 153 -3.49 3.07 -0.76
C VAL B 153 -3.61 1.63 -0.36
N ARG B 154 -2.48 0.99 -0.16
CA ARG B 154 -2.45 -0.38 0.26
C ARG B 154 -1.67 -0.65 1.53
N LYS B 155 -2.30 -1.40 2.43
CA LYS B 155 -1.66 -1.79 3.66
C LYS B 155 -0.89 -3.07 3.45
N ARG B 156 0.12 -3.28 4.26
CA ARG B 156 0.99 -4.43 4.14
C ARG B 156 1.82 -4.20 2.90
N ARG B 157 3.01 -4.75 2.86
CA ARG B 157 3.84 -4.43 1.72
C ARG B 157 4.53 -5.63 1.04
N SER B 158 5.37 -6.35 1.76
CA SER B 158 6.11 -7.48 1.21
C SER B 158 5.57 -8.71 1.87
N LEU B 235 12.85 6.39 -9.31
CA LEU B 235 12.78 5.68 -10.58
C LEU B 235 11.74 4.58 -10.54
N LYS B 236 10.67 4.75 -11.31
CA LYS B 236 9.59 3.77 -11.38
C LYS B 236 9.68 3.01 -12.69
N LYS B 237 9.22 1.75 -12.66
CA LYS B 237 9.15 0.95 -13.87
C LYS B 237 8.13 1.54 -14.83
N PRO B 238 8.21 1.22 -16.12
CA PRO B 238 7.33 1.87 -17.09
C PRO B 238 5.86 1.59 -16.80
N ARG B 239 5.03 2.59 -17.06
CA ARG B 239 3.59 2.45 -16.97
C ARG B 239 3.06 1.68 -18.17
N VAL B 240 2.01 0.90 -17.94
CA VAL B 240 1.44 0.03 -18.97
C VAL B 240 0.11 0.64 -19.37
N VAL B 241 -0.08 0.88 -20.66
CA VAL B 241 -1.30 1.53 -21.13
C VAL B 241 -2.10 0.52 -21.93
N TRP B 242 -3.28 0.17 -21.42
CA TRP B 242 -4.21 -0.73 -22.07
C TRP B 242 -5.12 0.03 -23.03
N SER B 243 -5.29 -0.49 -24.24
CA SER B 243 -6.31 0.06 -25.11
C SER B 243 -7.69 -0.36 -24.60
N VAL B 244 -8.71 0.41 -24.99
CA VAL B 244 -10.06 0.10 -24.54
C VAL B 244 -10.50 -1.26 -25.11
N GLU B 245 -10.07 -1.59 -26.33
CA GLU B 245 -10.42 -2.89 -26.90
C GLU B 245 -9.79 -4.04 -26.12
N LEU B 246 -8.51 -3.91 -25.76
CA LEU B 246 -7.89 -4.96 -24.96
C LEU B 246 -8.52 -5.05 -23.58
N HIS B 247 -8.74 -3.90 -22.92
CA HIS B 247 -9.44 -3.91 -21.63
C HIS B 247 -10.78 -4.61 -21.72
N GLN B 248 -11.56 -4.32 -22.78
CA GLN B 248 -12.87 -4.93 -22.89
C GLN B 248 -12.75 -6.43 -23.10
N GLN B 249 -11.75 -6.86 -23.87
CA GLN B 249 -11.47 -8.28 -23.99
C GLN B 249 -11.14 -8.89 -22.64
N PHE B 250 -10.36 -8.17 -21.83
CA PHE B 250 -10.02 -8.65 -20.49
C PHE B 250 -11.28 -8.77 -19.62
N VAL B 251 -12.16 -7.77 -19.68
CA VAL B 251 -13.35 -7.79 -18.84
C VAL B 251 -14.24 -8.98 -19.21
N ALA B 252 -14.42 -9.22 -20.51
CA ALA B 252 -15.26 -10.35 -20.94
C ALA B 252 -14.65 -11.69 -20.50
N ALA B 253 -13.32 -11.79 -20.55
CA ALA B 253 -12.66 -13.02 -20.14
C ALA B 253 -12.84 -13.27 -18.65
N VAL B 254 -12.67 -12.23 -17.83
CA VAL B 254 -12.85 -12.40 -16.38
C VAL B 254 -14.27 -12.81 -16.07
N ASN B 255 -15.25 -12.15 -16.71
CA ASN B 255 -16.64 -12.48 -16.43
C ASN B 255 -16.98 -13.88 -16.94
N GLN B 256 -16.37 -14.31 -18.05
CA GLN B 256 -16.63 -15.66 -18.54
C GLN B 256 -16.13 -16.71 -17.56
N LEU B 257 -14.97 -16.46 -16.94
CA LEU B 257 -14.41 -17.43 -16.00
C LEU B 257 -15.02 -17.32 -14.60
N GLY B 258 -15.62 -16.18 -14.27
CA GLY B 258 -16.01 -15.94 -12.90
C GLY B 258 -14.89 -15.25 -12.15
N VAL B 259 -15.18 -14.08 -11.58
CA VAL B 259 -14.15 -13.26 -10.97
C VAL B 259 -13.48 -14.00 -9.82
N GLU B 260 -14.18 -14.95 -9.20
CA GLU B 260 -13.61 -15.68 -8.03
C GLU B 260 -12.72 -16.83 -8.47
N LYS B 261 -12.79 -17.22 -9.73
CA LYS B 261 -11.95 -18.33 -10.22
C LYS B 261 -10.86 -17.80 -11.15
N ALA B 262 -11.08 -16.64 -11.74
CA ALA B 262 -10.15 -16.08 -12.75
C ALA B 262 -8.77 -15.85 -12.18
N VAL B 263 -7.80 -16.52 -12.76
CA VAL B 263 -6.39 -16.27 -12.40
C VAL B 263 -5.68 -15.81 -13.69
N PRO B 264 -4.60 -15.05 -13.60
CA PRO B 264 -3.91 -14.53 -14.76
C PRO B 264 -3.66 -15.50 -15.93
N LYS B 265 -3.11 -16.65 -15.66
CA LYS B 265 -2.89 -17.64 -16.70
C LYS B 265 -4.18 -18.01 -17.43
N LYS B 266 -5.23 -18.28 -16.70
CA LYS B 266 -6.44 -18.68 -17.44
C LYS B 266 -7.02 -17.48 -18.18
N ILE B 267 -6.81 -16.29 -17.65
CA ILE B 267 -7.33 -15.08 -18.36
C ILE B 267 -6.53 -14.92 -19.66
N LEU B 268 -5.23 -15.13 -19.59
CA LEU B 268 -4.31 -15.01 -20.73
C LEU B 268 -4.74 -15.95 -21.84
N GLU B 269 -5.13 -17.17 -21.49
CA GLU B 269 -5.53 -18.17 -22.49
C GLU B 269 -6.80 -17.73 -23.19
N LEU B 270 -7.76 -17.18 -22.47
CA LEU B 270 -9.04 -16.78 -23.10
C LEU B 270 -8.84 -15.54 -23.98
N MET B 271 -8.04 -14.59 -23.55
CA MET B 271 -7.87 -13.32 -24.30
C MET B 271 -7.15 -13.62 -25.61
N ASN B 272 -6.16 -14.50 -25.54
CA ASN B 272 -5.34 -14.96 -26.67
C ASN B 272 -4.71 -13.76 -27.37
N VAL B 273 -3.90 -13.00 -26.67
CA VAL B 273 -3.26 -11.83 -27.30
C VAL B 273 -1.76 -12.06 -27.23
N PRO B 274 -1.12 -12.44 -28.36
CA PRO B 274 0.31 -12.67 -28.38
C PRO B 274 1.09 -11.48 -27.84
N GLY B 275 2.02 -11.75 -26.94
CA GLY B 275 2.81 -10.68 -26.35
C GLY B 275 2.27 -10.12 -25.05
N LEU B 276 1.03 -10.43 -24.68
CA LEU B 276 0.50 -10.00 -23.38
C LEU B 276 1.01 -10.95 -22.31
N THR B 277 1.51 -10.38 -21.22
CA THR B 277 2.13 -11.22 -20.16
C THR B 277 1.23 -11.50 -18.97
N ARG B 278 1.61 -12.48 -18.18
CA ARG B 278 0.89 -12.82 -16.99
C ARG B 278 0.97 -11.70 -16.00
N GLU B 279 2.14 -11.15 -15.85
CA GLU B 279 2.28 -9.97 -14.98
C GLU B 279 1.39 -8.82 -15.48
N ASN B 280 1.23 -8.66 -16.79
CA ASN B 280 0.35 -7.59 -17.30
C ASN B 280 -1.06 -7.83 -16.76
N VAL B 281 -1.53 -9.07 -16.87
CA VAL B 281 -2.89 -9.47 -16.46
C VAL B 281 -3.01 -9.38 -14.93
N ALA B 282 -2.01 -9.82 -14.19
CA ALA B 282 -2.07 -9.78 -12.72
C ALA B 282 -2.27 -8.34 -12.26
N SER B 283 -1.44 -7.46 -12.75
CA SER B 283 -1.48 -6.02 -12.45
C SER B 283 -2.86 -5.44 -12.76
N HIS B 284 -3.40 -5.75 -13.94
CA HIS B 284 -4.71 -5.27 -14.39
C HIS B 284 -5.83 -5.85 -13.51
N LEU B 285 -5.77 -7.14 -13.23
CA LEU B 285 -6.77 -7.81 -12.36
C LEU B 285 -6.83 -7.13 -10.99
N GLN B 286 -5.68 -6.82 -10.40
CA GLN B 286 -5.58 -6.13 -9.10
C GLN B 286 -6.26 -4.75 -9.15
N LYS B 287 -6.12 -4.06 -10.26
CA LYS B 287 -6.75 -2.74 -10.40
C LYS B 287 -8.26 -2.88 -10.56
N TYR B 288 -8.76 -3.87 -11.28
CA TYR B 288 -10.20 -3.93 -11.59
C TYR B 288 -10.98 -4.97 -10.76
N ARG B 289 -10.32 -5.64 -9.82
CA ARG B 289 -10.89 -6.71 -8.97
C ARG B 289 -12.11 -6.19 -8.19
N ILE B 290 -12.00 -5.04 -7.56
CA ILE B 290 -13.13 -4.51 -6.76
C ILE B 290 -14.36 -4.30 -7.65
N TYR B 291 -14.21 -3.64 -8.79
CA TYR B 291 -15.35 -3.41 -9.67
C TYR B 291 -15.87 -4.77 -10.18
N LEU B 292 -14.98 -5.69 -10.54
CA LEU B 292 -15.54 -6.95 -11.08
C LEU B 292 -16.26 -7.75 -9.99
N ARG B 293 -15.77 -7.64 -8.75
CA ARG B 293 -16.41 -8.31 -7.60
C ARG B 293 -17.77 -7.65 -7.39
N ARG B 294 -17.87 -6.34 -7.52
CA ARG B 294 -19.23 -5.75 -7.40
C ARG B 294 -20.16 -6.27 -8.51
N LEU B 295 -19.67 -6.46 -9.73
CA LEU B 295 -20.61 -7.02 -10.73
C LEU B 295 -21.07 -8.39 -10.25
N GLY B 296 -20.14 -9.25 -9.87
CA GLY B 296 -20.56 -10.58 -9.41
C GLY B 296 -19.40 -11.49 -9.09
#